data_2GTF
#
_entry.id   2GTF
#
_cell.length_a   34.374
_cell.length_b   34.374
_cell.length_c   255.820
_cell.angle_alpha   90.00
_cell.angle_beta   90.00
_cell.angle_gamma   90.00
#
_symmetry.space_group_name_H-M   'P 41 21 2'
#
loop_
_entity.id
_entity.type
_entity.pdbx_description
1 polymer Nitrophorin-2
2 non-polymer 'PROTOPORPHYRIN IX CONTAINING FE'
3 non-polymer PYRIMIDINE
4 water water
#
_entity_poly.entity_id   1
_entity_poly.type   'polypeptide(L)'
_entity_poly.pdbx_seq_one_letter_code
;MDCSTNISPKQGLDKAKYFSGKWYVTHFLDKDPQVTDQYCSSFTPRESDGTVKEALYHYNANKKTSFYNIGEGKLESSGL
QYTAKYKTVDKKKAVLKEADEKNSYTLTVLEADDSSALVHICLREGSKDLGDLYTVLTHQKDAEPSAKVKSAVTQAGLQL
SQFVGTKDLGCQYDDQFTSL
;
_entity_poly.pdbx_strand_id   X
#
# COMPACT_ATOMS: atom_id res chain seq x y z
N MET A 1 2.38 9.91 16.49
CA MET A 1 3.44 9.07 15.81
C MET A 1 3.65 9.50 14.39
N ASP A 2 4.56 10.44 14.24
CA ASP A 2 4.75 11.16 13.01
C ASP A 2 5.12 10.18 11.89
N CYS A 3 4.62 10.42 10.70
CA CYS A 3 5.12 9.69 9.55
C CYS A 3 6.55 10.10 9.22
N SER A 4 7.28 9.18 8.61
CA SER A 4 8.66 9.35 8.21
C SER A 4 8.74 10.54 7.26
N THR A 5 9.75 11.38 7.49
CA THR A 5 9.91 12.66 6.77
C THR A 5 10.68 12.58 5.48
N ASN A 6 11.75 11.80 5.44
CA ASN A 6 12.55 11.89 4.24
C ASN A 6 12.05 10.85 3.31
N ILE A 7 10.92 11.18 2.69
CA ILE A 7 10.27 10.26 1.75
C ILE A 7 9.96 11.04 0.49
N SER A 8 10.55 10.63 -0.64
CA SER A 8 10.22 11.19 -1.97
C SER A 8 10.25 10.07 -3.03
N PRO A 9 9.48 10.23 -4.11
CA PRO A 9 9.41 9.10 -5.08
C PRO A 9 10.71 8.97 -5.83
N LYS A 10 11.05 7.75 -6.21
CA LYS A 10 12.28 7.50 -6.99
C LYS A 10 12.02 8.09 -8.38
N GLN A 11 12.88 8.98 -8.90
CA GLN A 11 12.62 9.60 -10.22
C GLN A 11 13.12 8.64 -11.26
N GLY A 12 12.47 8.63 -12.41
CA GLY A 12 12.91 7.81 -13.48
C GLY A 12 12.17 6.48 -13.51
N LEU A 13 11.32 6.23 -12.50
CA LEU A 13 10.47 5.04 -12.51
C LEU A 13 9.41 5.11 -13.62
N ASP A 14 9.24 3.98 -14.30
CA ASP A 14 8.22 3.82 -15.33
C ASP A 14 6.92 3.52 -14.63
N LYS A 15 5.97 4.44 -14.77
CA LYS A 15 4.67 4.33 -14.12
C LYS A 15 3.90 3.11 -14.61
N ALA A 16 4.22 2.64 -15.80
CA ALA A 16 3.61 1.44 -16.34
C ALA A 16 3.95 0.22 -15.51
N LYS A 17 5.12 0.20 -14.88
CA LYS A 17 5.45 -0.92 -14.03
C LYS A 17 4.72 -0.90 -12.69
N TYR A 18 4.38 0.29 -12.17
CA TYR A 18 3.70 0.41 -10.88
C TYR A 18 2.18 0.21 -11.04
N PHE A 19 1.59 0.86 -12.02
CA PHE A 19 0.15 0.76 -12.33
C PHE A 19 -0.05 -0.48 -13.24
N SER A 20 0.18 -1.65 -12.66
CA SER A 20 0.35 -2.94 -13.44
C SER A 20 -0.18 -4.05 -12.54
N GLY A 21 -0.88 -5.02 -13.12
CA GLY A 21 -1.43 -6.14 -12.35
C GLY A 21 -2.09 -5.80 -11.01
N LYS A 22 -1.84 -6.64 -10.03
CA LYS A 22 -2.24 -6.29 -8.65
C LYS A 22 -0.99 -6.48 -7.82
N TRP A 23 -1.06 -5.93 -6.61
CA TRP A 23 -0.02 -6.10 -5.65
C TRP A 23 -0.47 -6.80 -4.41
N TYR A 24 0.41 -7.63 -3.88
CA TYR A 24 0.28 -8.34 -2.62
C TYR A 24 1.43 -7.83 -1.75
N VAL A 25 1.14 -7.48 -0.49
CA VAL A 25 2.20 -7.12 0.43
C VAL A 25 2.93 -8.36 0.97
N THR A 26 4.20 -8.52 0.65
CA THR A 26 4.97 -9.61 1.21
C THR A 26 5.61 -9.31 2.57
N HIS A 27 5.90 -8.06 2.79
CA HIS A 27 6.58 -7.59 4.00
C HIS A 27 6.11 -6.19 4.31
N PHE A 28 5.92 -5.92 5.58
CA PHE A 28 5.61 -4.56 6.06
C PHE A 28 6.36 -4.17 7.28
N LEU A 29 6.69 -2.89 7.32
CA LEU A 29 7.39 -2.30 8.46
C LEU A 29 6.56 -1.18 9.07
N ASP A 30 6.07 -1.46 10.26
CA ASP A 30 5.17 -0.51 10.99
C ASP A 30 5.99 0.08 12.12
N LYS A 31 6.10 1.41 12.11
CA LYS A 31 6.87 2.18 13.08
C LYS A 31 6.19 1.92 14.45
N ASP A 32 4.89 2.18 14.48
CA ASP A 32 4.18 2.16 15.74
C ASP A 32 2.73 1.77 15.53
N PRO A 33 2.44 0.49 15.72
CA PRO A 33 1.08 0.05 15.60
C PRO A 33 0.31 0.50 16.85
N GLN A 34 -0.84 1.10 16.63
CA GLN A 34 -1.85 1.37 17.67
C GLN A 34 -2.54 0.07 18.11
N VAL A 35 -2.98 -0.73 17.13
CA VAL A 35 -3.46 -2.10 17.37
C VAL A 35 -2.26 -3.07 17.29
N THR A 36 -2.33 -4.24 17.94
CA THR A 36 -1.27 -5.26 17.74
C THR A 36 -1.70 -6.35 16.74
N ASP A 37 -2.92 -6.21 16.20
CA ASP A 37 -3.33 -7.08 15.13
C ASP A 37 -2.42 -6.85 13.91
N GLN A 38 -2.16 -7.94 13.24
CA GLN A 38 -1.37 -7.86 12.03
CA GLN A 38 -1.34 -7.97 12.03
C GLN A 38 -2.31 -8.12 10.85
N TYR A 39 -2.03 -7.42 9.76
CA TYR A 39 -2.82 -7.48 8.55
C TYR A 39 -2.02 -8.00 7.37
N CYS A 40 -2.75 -8.58 6.43
CA CYS A 40 -2.34 -8.78 5.07
C CYS A 40 -3.08 -7.77 4.17
N SER A 41 -2.51 -7.44 3.03
CA SER A 41 -3.13 -6.48 2.14
C SER A 41 -2.80 -6.78 0.71
N SER A 42 -3.74 -6.47 -0.15
CA SER A 42 -3.55 -6.51 -1.60
C SER A 42 -4.32 -5.37 -2.18
N PHE A 43 -3.83 -4.82 -3.29
CA PHE A 43 -4.53 -3.70 -3.92
C PHE A 43 -4.22 -3.63 -5.40
N THR A 44 -5.04 -2.88 -6.15
CA THR A 44 -4.93 -2.81 -7.61
C THR A 44 -4.99 -1.35 -8.06
N PRO A 45 -3.81 -0.75 -8.26
CA PRO A 45 -3.76 0.66 -8.61
C PRO A 45 -3.79 0.89 -10.10
N ARG A 46 -4.57 1.89 -10.49
CA ARG A 46 -4.62 2.30 -11.91
C ARG A 46 -4.59 3.79 -12.00
N GLU A 47 -4.07 4.29 -13.12
CA GLU A 47 -3.86 5.72 -13.26
C GLU A 47 -4.33 6.15 -14.63
N SER A 48 -4.95 7.31 -14.68
CA SER A 48 -5.34 7.92 -15.97
C SER A 48 -5.32 9.45 -15.82
N ASP A 49 -4.52 10.10 -16.68
CA ASP A 49 -4.45 11.55 -16.66
C ASP A 49 -4.05 12.19 -15.35
N GLY A 50 -3.22 11.50 -14.59
CA GLY A 50 -2.75 11.96 -13.31
C GLY A 50 -3.65 11.64 -12.17
N THR A 51 -4.77 10.96 -12.43
CA THR A 51 -5.69 10.56 -11.38
C THR A 51 -5.47 9.06 -11.11
N VAL A 52 -5.24 8.73 -9.86
CA VAL A 52 -5.08 7.34 -9.42
C VAL A 52 -6.38 6.85 -8.75
N LYS A 53 -6.84 5.66 -9.13
CA LYS A 53 -7.93 4.96 -8.45
C LYS A 53 -7.47 3.57 -8.09
N GLU A 54 -7.75 3.13 -6.87
CA GLU A 54 -7.26 1.83 -6.47
C GLU A 54 -8.23 1.17 -5.50
N ALA A 55 -8.42 -0.11 -5.78
CA ALA A 55 -9.21 -1.02 -4.94
C ALA A 55 -8.25 -1.67 -3.93
N LEU A 56 -8.62 -1.52 -2.67
CA LEU A 56 -7.75 -1.84 -1.55
CA LEU A 56 -7.77 -1.79 -1.49
C LEU A 56 -8.43 -2.85 -0.63
N TYR A 57 -7.67 -3.85 -0.20
CA TYR A 57 -8.19 -4.93 0.67
C TYR A 57 -7.21 -5.07 1.85
N HIS A 58 -7.80 -5.26 3.04
CA HIS A 58 -7.09 -5.64 4.24
C HIS A 58 -7.70 -6.87 4.87
N TYR A 59 -6.84 -7.75 5.35
CA TYR A 59 -7.25 -8.94 6.05
C TYR A 59 -6.63 -8.94 7.44
N ASN A 60 -7.44 -8.95 8.49
CA ASN A 60 -6.94 -8.98 9.84
C ASN A 60 -6.57 -10.43 10.16
N ALA A 61 -5.29 -10.68 10.29
CA ALA A 61 -4.84 -12.04 10.45
C ALA A 61 -5.20 -12.66 11.80
N ASN A 62 -5.41 -11.82 12.80
CA ASN A 62 -5.78 -12.33 14.15
C ASN A 62 -7.26 -12.69 14.20
N LYS A 63 -8.07 -11.80 13.67
CA LYS A 63 -9.55 -11.97 13.77
C LYS A 63 -10.14 -12.70 12.58
N LYS A 64 -9.37 -12.75 11.49
CA LYS A 64 -9.74 -13.45 10.28
C LYS A 64 -10.92 -12.77 9.56
N THR A 65 -10.94 -11.47 9.56
CA THR A 65 -11.99 -10.67 8.90
C THR A 65 -11.30 -9.79 7.89
N SER A 66 -12.05 -9.27 6.96
CA SER A 66 -11.48 -8.36 6.00
C SER A 66 -12.32 -7.12 5.76
N PHE A 67 -11.65 -6.03 5.40
CA PHE A 67 -12.33 -4.78 5.05
C PHE A 67 -11.77 -4.21 3.76
N TYR A 68 -12.56 -3.31 3.16
CA TYR A 68 -12.42 -2.90 1.78
CA TYR A 68 -12.45 -2.92 1.77
C TYR A 68 -12.52 -1.40 1.61
N ASN A 69 -11.71 -0.89 0.70
CA ASN A 69 -11.71 0.55 0.43
C ASN A 69 -11.48 0.82 -1.03
N ILE A 70 -11.82 2.04 -1.49
CA ILE A 70 -11.40 2.52 -2.82
C ILE A 70 -10.73 3.87 -2.63
N GLY A 71 -9.46 3.97 -3.06
CA GLY A 71 -8.72 5.23 -2.91
C GLY A 71 -8.73 6.04 -4.20
N GLU A 72 -8.68 7.36 -4.10
CA GLU A 72 -8.62 8.22 -5.28
C GLU A 72 -7.79 9.43 -4.99
N GLY A 73 -6.77 9.69 -5.82
CA GLY A 73 -5.99 10.88 -5.60
C GLY A 73 -5.30 11.30 -6.87
N LYS A 74 -4.58 12.39 -6.78
CA LYS A 74 -3.83 12.94 -7.91
C LYS A 74 -2.35 12.69 -7.70
N LEU A 75 -1.67 12.33 -8.76
CA LEU A 75 -0.20 12.33 -8.76
C LEU A 75 0.37 13.71 -8.49
N GLU A 76 1.41 13.73 -7.67
CA GLU A 76 2.17 14.98 -7.46
C GLU A 76 3.00 15.30 -8.65
N SER A 77 3.56 16.52 -8.65
CA SER A 77 4.44 16.95 -9.71
C SER A 77 5.84 16.31 -9.62
N SER A 78 6.06 15.68 -8.45
CA SER A 78 7.32 15.02 -8.04
C SER A 78 7.58 13.63 -8.64
N GLY A 79 6.56 12.98 -9.17
CA GLY A 79 6.69 11.61 -9.71
C GLY A 79 5.62 10.69 -9.17
N LEU A 80 6.01 9.45 -8.81
CA LEU A 80 4.98 8.51 -8.43
C LEU A 80 4.70 8.62 -6.95
N GLN A 81 3.85 9.57 -6.62
CA GLN A 81 3.50 9.86 -5.27
C GLN A 81 2.13 10.50 -5.33
N TYR A 82 1.24 10.05 -4.46
CA TYR A 82 -0.11 10.56 -4.49
C TYR A 82 -0.73 10.57 -3.15
N THR A 83 -1.57 11.58 -2.88
CA THR A 83 -2.40 11.65 -1.70
C THR A 83 -3.82 11.30 -2.11
N ALA A 84 -4.34 10.25 -1.52
CA ALA A 84 -5.67 9.70 -1.83
C ALA A 84 -6.64 9.90 -0.71
N LYS A 85 -7.89 10.25 -1.07
CA LYS A 85 -9.00 10.14 -0.11
CA LYS A 85 -9.04 10.19 -0.16
C LYS A 85 -9.61 8.80 -0.44
N TYR A 86 -10.42 8.28 0.46
CA TYR A 86 -10.85 6.90 0.19
C TYR A 86 -12.27 6.65 0.60
N LYS A 87 -12.98 5.89 -0.24
CA LYS A 87 -14.27 5.33 0.12
C LYS A 87 -14.11 4.06 0.95
N THR A 88 -15.07 3.81 1.80
CA THR A 88 -15.24 2.58 2.53
C THR A 88 -16.37 1.77 1.85
N VAL A 89 -16.10 0.52 1.46
CA VAL A 89 -16.99 -0.28 0.64
C VAL A 89 -17.16 -1.71 1.21
N ASP A 90 -18.22 -2.43 0.79
CA ASP A 90 -18.38 -3.82 1.13
C ASP A 90 -17.69 -4.65 0.07
N LYS A 91 -17.75 -5.96 0.21
CA LYS A 91 -17.02 -6.83 -0.68
C LYS A 91 -17.45 -6.72 -2.17
N LYS A 92 -18.65 -6.20 -2.39
CA LYS A 92 -19.21 -6.02 -3.72
C LYS A 92 -18.99 -4.62 -4.23
N LYS A 93 -18.23 -3.81 -3.50
CA LYS A 93 -17.90 -2.43 -3.83
C LYS A 93 -19.08 -1.43 -3.68
N ALA A 94 -20.11 -1.82 -2.93
CA ALA A 94 -21.14 -0.87 -2.57
C ALA A 94 -20.55 0.09 -1.56
N VAL A 95 -20.85 1.38 -1.72
CA VAL A 95 -20.29 2.41 -0.84
C VAL A 95 -20.97 2.47 0.47
N LEU A 96 -20.19 2.30 1.53
CA LEU A 96 -20.66 2.43 2.92
C LEU A 96 -20.41 3.87 3.41
N LYS A 97 -19.21 4.42 3.15
CA LYS A 97 -18.88 5.89 3.31
C LYS A 97 -18.12 6.46 2.14
N GLU A 98 -18.43 7.69 1.70
CA GLU A 98 -17.74 8.31 0.56
C GLU A 98 -16.43 8.89 1.10
N ALA A 99 -15.53 9.23 0.19
CA ALA A 99 -14.28 9.90 0.52
C ALA A 99 -14.65 11.18 1.22
N ASP A 100 -13.91 11.58 2.25
CA ASP A 100 -14.16 12.88 2.90
C ASP A 100 -12.89 13.71 2.82
N GLU A 101 -12.85 14.85 3.48
CA GLU A 101 -11.75 15.75 3.24
C GLU A 101 -10.74 15.68 4.37
N LYS A 102 -11.09 15.11 5.53
CA LYS A 102 -10.16 14.98 6.65
C LYS A 102 -9.31 13.67 6.73
N ASN A 103 -9.77 12.60 6.09
CA ASN A 103 -9.05 11.29 6.08
C ASN A 103 -8.35 11.05 4.72
N SER A 104 -7.00 10.80 4.72
CA SER A 104 -6.29 10.54 3.48
C SER A 104 -5.08 9.66 3.77
N TYR A 105 -4.51 9.15 2.69
CA TYR A 105 -3.17 8.55 2.76
C TYR A 105 -2.31 9.03 1.65
N THR A 106 -1.00 9.04 1.92
CA THR A 106 -0.07 9.42 0.91
C THR A 106 0.84 8.25 0.65
N LEU A 107 0.82 7.82 -0.59
CA LEU A 107 1.60 6.65 -1.04
C LEU A 107 2.72 7.15 -1.95
N THR A 108 3.96 6.76 -1.61
CA THR A 108 5.17 7.13 -2.31
C THR A 108 5.87 5.88 -2.82
N VAL A 109 6.10 5.83 -4.14
CA VAL A 109 6.73 4.65 -4.74
C VAL A 109 8.25 4.86 -4.71
N LEU A 110 8.96 3.99 -3.97
CA LEU A 110 10.42 4.06 -3.79
C LEU A 110 11.18 3.21 -4.80
N GLU A 111 10.54 2.15 -5.29
CA GLU A 111 11.05 1.30 -6.37
C GLU A 111 9.90 0.53 -6.98
N ALA A 112 10.01 0.22 -8.27
CA ALA A 112 9.07 -0.64 -8.97
C ALA A 112 9.74 -1.24 -10.16
N ASP A 113 9.61 -2.54 -10.33
CA ASP A 113 10.19 -3.21 -11.49
C ASP A 113 9.14 -4.17 -12.04
N ASP A 114 9.51 -5.13 -12.88
CA ASP A 114 8.54 -5.95 -13.53
C ASP A 114 7.82 -6.88 -12.57
N SER A 115 8.42 -7.20 -11.42
CA SER A 115 7.80 -8.17 -10.49
C SER A 115 7.41 -7.66 -9.13
N SER A 116 7.97 -6.53 -8.74
CA SER A 116 8.04 -6.16 -7.33
C SER A 116 8.04 -4.63 -7.16
N ALA A 117 7.72 -4.17 -5.95
CA ALA A 117 7.80 -2.77 -5.65
C ALA A 117 8.08 -2.54 -4.19
N LEU A 118 8.56 -1.35 -3.85
CA LEU A 118 8.66 -0.88 -2.46
C LEU A 118 7.93 0.48 -2.41
N VAL A 119 6.97 0.59 -1.48
CA VAL A 119 6.21 1.80 -1.28
C VAL A 119 6.15 2.16 0.18
N HIS A 120 5.95 3.46 0.44
CA HIS A 120 5.75 3.99 1.75
C HIS A 120 4.36 4.62 1.76
N ILE A 121 3.63 4.38 2.84
CA ILE A 121 2.25 4.89 3.03
C ILE A 121 2.16 5.61 4.36
N CYS A 122 1.72 6.87 4.32
CA CYS A 122 1.38 7.59 5.54
C CYS A 122 -0.15 7.84 5.58
N LEU A 123 -0.80 7.34 6.61
CA LEU A 123 -2.23 7.52 6.84
C LEU A 123 -2.44 8.62 7.81
N ARG A 124 -3.35 9.54 7.47
CA ARG A 124 -3.65 10.71 8.27
C ARG A 124 -5.14 10.88 8.51
N GLU A 125 -5.45 11.51 9.63
CA GLU A 125 -6.85 11.95 9.86
C GLU A 125 -6.79 13.29 10.54
N GLY A 126 -7.29 14.28 9.81
CA GLY A 126 -7.24 15.67 10.30
C GLY A 126 -5.80 16.07 10.50
N SER A 127 -5.52 16.66 11.65
CA SER A 127 -4.18 17.16 11.90
C SER A 127 -3.21 16.10 12.33
N LYS A 128 -3.61 14.85 12.42
CA LYS A 128 -2.77 13.79 12.98
C LYS A 128 -2.37 12.73 11.98
N ASP A 129 -1.09 12.43 11.98
CA ASP A 129 -0.59 11.23 11.32
C ASP A 129 -1.02 9.98 12.10
N LEU A 130 -1.67 9.03 11.47
CA LEU A 130 -2.16 7.85 12.21
C LEU A 130 -1.16 6.73 12.16
N GLY A 131 -0.35 6.69 11.11
CA GLY A 131 0.42 5.48 10.89
C GLY A 131 1.23 5.58 9.63
N ASP A 132 2.42 4.98 9.68
CA ASP A 132 3.40 5.03 8.68
C ASP A 132 3.78 3.56 8.41
N LEU A 133 3.79 3.14 7.14
CA LEU A 133 4.24 1.79 6.78
C LEU A 133 5.15 1.80 5.56
N TYR A 134 6.20 0.98 5.56
CA TYR A 134 6.81 0.61 4.32
C TYR A 134 6.28 -0.78 3.98
N THR A 135 6.01 -1.02 2.68
CA THR A 135 5.52 -2.29 2.23
C THR A 135 6.28 -2.76 0.97
N VAL A 136 6.76 -3.99 1.02
CA VAL A 136 7.30 -4.68 -0.16
C VAL A 136 6.16 -5.41 -0.83
N LEU A 137 6.07 -5.21 -2.14
CA LEU A 137 4.95 -5.71 -2.95
C LEU A 137 5.43 -6.69 -4.03
N THR A 138 4.64 -7.73 -4.31
CA THR A 138 4.89 -8.59 -5.46
C THR A 138 3.55 -8.81 -6.19
N HIS A 139 3.62 -9.32 -7.43
CA HIS A 139 2.41 -9.48 -8.22
C HIS A 139 1.65 -10.77 -8.01
N GLN A 140 2.26 -11.72 -7.30
CA GLN A 140 1.55 -12.93 -6.87
C GLN A 140 1.82 -13.18 -5.41
N LYS A 141 0.82 -13.78 -4.76
CA LYS A 141 0.91 -14.15 -3.36
C LYS A 141 2.24 -14.93 -3.12
N ASP A 142 3.00 -14.49 -2.11
CA ASP A 142 4.21 -15.14 -1.68
C ASP A 142 5.27 -15.33 -2.79
N ALA A 143 5.22 -14.54 -3.86
CA ALA A 143 6.35 -14.49 -4.81
C ALA A 143 7.55 -13.87 -4.10
N GLU A 144 8.75 -14.15 -4.56
CA GLU A 144 9.94 -13.58 -3.92
C GLU A 144 10.13 -12.17 -4.44
N PRO A 145 10.36 -11.18 -3.55
CA PRO A 145 10.73 -9.85 -4.08
C PRO A 145 12.05 -9.89 -4.86
N SER A 146 12.12 -9.03 -5.85
CA SER A 146 13.31 -8.92 -6.69
C SER A 146 14.52 -8.41 -5.91
N ALA A 147 15.70 -8.71 -6.43
CA ALA A 147 16.93 -8.17 -5.88
C ALA A 147 16.90 -6.65 -5.91
N LYS A 148 16.38 -6.05 -6.98
CA LYS A 148 16.32 -4.59 -7.08
C LYS A 148 15.50 -4.02 -5.90
N VAL A 149 14.36 -4.61 -5.61
CA VAL A 149 13.55 -4.11 -4.49
C VAL A 149 14.21 -4.39 -3.14
N LYS A 150 14.88 -5.53 -2.98
CA LYS A 150 15.58 -5.76 -1.71
C LYS A 150 16.68 -4.71 -1.55
N SER A 151 17.38 -4.39 -2.64
CA SER A 151 18.37 -3.33 -2.55
CA SER A 151 18.36 -3.29 -2.64
C SER A 151 17.77 -1.95 -2.20
N ALA A 152 16.58 -1.63 -2.72
CA ALA A 152 15.80 -0.42 -2.36
C ALA A 152 15.52 -0.37 -0.87
N VAL A 153 15.20 -1.50 -0.27
CA VAL A 153 14.98 -1.55 1.20
C VAL A 153 16.23 -1.11 1.94
N THR A 154 17.38 -1.67 1.58
CA THR A 154 18.67 -1.32 2.20
C THR A 154 19.02 0.15 1.98
N GLN A 155 18.69 0.67 0.80
CA GLN A 155 19.01 2.04 0.43
C GLN A 155 18.05 3.04 1.06
N ALA A 156 16.87 2.58 1.52
CA ALA A 156 15.95 3.41 2.26
C ALA A 156 16.42 3.55 3.73
N GLY A 157 17.53 2.88 4.11
CA GLY A 157 18.03 2.79 5.50
C GLY A 157 17.38 1.77 6.42
N LEU A 158 16.75 0.77 5.84
CA LEU A 158 15.97 -0.23 6.54
C LEU A 158 16.65 -1.61 6.49
N GLN A 159 16.11 -2.52 7.28
CA GLN A 159 16.57 -3.92 7.28
C GLN A 159 15.36 -4.77 6.97
N LEU A 160 15.40 -5.48 5.85
CA LEU A 160 14.22 -6.27 5.46
C LEU A 160 13.83 -7.29 6.53
N SER A 161 14.82 -7.82 7.26
CA SER A 161 14.58 -8.77 8.34
C SER A 161 13.72 -8.25 9.46
N GLN A 162 13.72 -6.92 9.65
CA GLN A 162 12.89 -6.31 10.69
C GLN A 162 11.44 -6.10 10.25
N PHE A 163 11.15 -6.27 8.96
CA PHE A 163 9.76 -6.24 8.49
C PHE A 163 9.05 -7.49 8.99
N VAL A 164 7.73 -7.40 9.13
CA VAL A 164 6.90 -8.58 9.32
C VAL A 164 6.66 -9.23 7.92
N GLY A 165 7.04 -10.51 7.75
CA GLY A 165 6.72 -11.22 6.52
C GLY A 165 5.32 -11.72 6.61
N THR A 166 4.49 -11.45 5.62
CA THR A 166 3.10 -11.82 5.71
C THR A 166 2.87 -13.31 5.41
N LYS A 167 3.87 -14.02 4.89
CA LYS A 167 3.64 -15.44 4.49
C LYS A 167 3.11 -16.22 5.70
N ASP A 168 3.73 -15.94 6.83
CA ASP A 168 3.44 -16.62 8.11
C ASP A 168 2.12 -16.31 8.76
N LEU A 169 1.43 -15.28 8.28
CA LEU A 169 0.25 -14.85 9.00
C LEU A 169 -1.02 -15.65 8.67
N GLY A 170 -0.98 -16.50 7.66
CA GLY A 170 -2.10 -17.24 7.21
C GLY A 170 -3.06 -16.34 6.45
N CYS A 171 -2.51 -15.50 5.61
CA CYS A 171 -3.34 -14.54 4.89
C CYS A 171 -4.43 -15.23 4.06
N GLN A 172 -5.57 -14.55 3.93
CA GLN A 172 -6.58 -14.88 2.98
C GLN A 172 -6.81 -13.62 2.14
N TYR A 173 -6.91 -13.81 0.83
CA TYR A 173 -7.14 -12.73 -0.13
C TYR A 173 -8.48 -12.94 -0.78
N ASP A 174 -9.00 -11.84 -1.27
CA ASP A 174 -10.21 -11.78 -2.07
C ASP A 174 -9.81 -11.27 -3.44
N ASP A 175 -9.43 -12.21 -4.31
CA ASP A 175 -8.96 -11.88 -5.64
C ASP A 175 -10.07 -11.45 -6.59
N GLN A 176 -11.31 -11.78 -6.23
CA GLN A 176 -12.41 -11.24 -6.98
C GLN A 176 -12.53 -9.74 -6.76
N PHE A 177 -12.39 -9.29 -5.50
CA PHE A 177 -12.51 -7.86 -5.20
C PHE A 177 -11.43 -7.05 -5.95
N THR A 178 -10.22 -7.57 -5.96
CA THR A 178 -9.10 -6.81 -6.57
C THR A 178 -8.92 -7.04 -8.06
N SER A 179 -9.71 -7.95 -8.66
CA SER A 179 -9.67 -8.15 -10.10
C SER A 179 -10.53 -7.02 -10.71
N LEU A 180 -9.89 -6.24 -11.56
CA LEU A 180 -10.34 -4.93 -12.05
C LEU A 180 -9.96 -3.81 -11.04
#